data_8AYK
#
_entry.id   8AYK
#
_cell.length_a   61.552
_cell.length_b   90.013
_cell.length_c   100.859
_cell.angle_alpha   90.000
_cell.angle_beta   90.000
_cell.angle_gamma   90.000
#
_symmetry.space_group_name_H-M   'P 21 21 21'
#
loop_
_entity.id
_entity.type
_entity.pdbx_description
1 polymer 'Aminotransferase class IV'
2 non-polymer '(~{Z})-2-[[2-methyl-3-oxidanyl-5-(phosphonooxymethyl)pyridin-4-yl]methylamino]pent-2-enedioic acid'
3 non-polymer "4'-DEOXY-4'-AMINOPYRIDOXAL-5'-PHOSPHATE"
4 water water
#
_entity_poly.entity_id   1
_entity_poly.type   'polypeptide(L)'
_entity_poly.pdbx_seq_one_letter_code
;GHMNLCYIDGKFLPLEEAKLPVTDLIIQRGVGVFETISTHSRRPLMLTPHLKRLEGSATASSIVMPATLDEMARIIREGI
KKMGCETMVRPYITGGDSFGKDHLFSSSRYFVIFEEIRKPDPILYEKGVALHPINAERYLPSTKSINYMLSFTGQRDSKG
AYEILYCPEGEIVEGSHSTFFLIKNGHLITAPTSRALSGTTRQIVLELARRGNIQVEERCPLLTELPEAEEAFITGTVKE
LLPVVRIGDQIIGNGVPGKLTKHLHQVYLSSIVEWLE
;
_entity_poly.pdbx_strand_id   A,B
#
loop_
_chem_comp.id
_chem_comp.type
_chem_comp.name
_chem_comp.formula
PMP non-polymer 4'-DEOXY-4'-AMINOPYRIDOXAL-5'-PHOSPHATE 'C8 H13 N2 O5 P'
PW0 non-polymer '(~{Z})-2-[[2-methyl-3-oxidanyl-5-(phosphonooxymethyl)pyridin-4-yl]methylamino]pent-2-enedioic acid' 'C13 H17 N2 O9 P'
#
# COMPACT_ATOMS: atom_id res chain seq x y z
N HIS A 2 -28.50 0.32 14.93
CA HIS A 2 -28.63 1.57 14.08
C HIS A 2 -27.94 1.32 12.72
N MET A 3 -28.34 2.07 11.67
CA MET A 3 -27.71 2.04 10.34
C MET A 3 -26.25 2.53 10.46
N ASN A 4 -25.38 2.02 9.61
CA ASN A 4 -23.98 2.50 9.52
C ASN A 4 -23.92 3.93 8.97
N LEU A 5 -22.98 4.71 9.47
CA LEU A 5 -22.87 6.13 9.12
C LEU A 5 -21.48 6.42 8.54
N CYS A 6 -21.37 7.48 7.77
CA CYS A 6 -20.09 8.12 7.41
C CYS A 6 -20.23 9.60 7.65
N TYR A 7 -19.33 10.20 8.41
CA TYR A 7 -19.16 11.67 8.47
C TYR A 7 -18.22 12.12 7.37
N ILE A 8 -18.74 12.96 6.48
CA ILE A 8 -17.95 13.47 5.33
C ILE A 8 -18.54 14.83 4.93
N ASP A 9 -17.70 15.80 4.62
CA ASP A 9 -18.14 17.15 4.15
C ASP A 9 -19.15 17.73 5.14
N GLY A 10 -18.89 17.62 6.44
CA GLY A 10 -19.66 18.31 7.49
C GLY A 10 -20.95 17.63 7.89
N LYS A 11 -21.31 16.48 7.31
CA LYS A 11 -22.60 15.82 7.66
C LYS A 11 -22.37 14.33 7.93
N PHE A 12 -23.25 13.76 8.74
CA PHE A 12 -23.38 12.30 8.90
C PHE A 12 -24.29 11.79 7.80
N LEU A 13 -23.75 11.02 6.84
CA LEU A 13 -24.53 10.33 5.78
C LEU A 13 -24.75 8.88 6.21
N PRO A 14 -25.81 8.22 5.72
CA PRO A 14 -25.81 6.77 5.63
C PRO A 14 -24.50 6.33 4.95
N LEU A 15 -23.87 5.28 5.48
CA LEU A 15 -22.50 4.87 5.02
C LEU A 15 -22.54 4.59 3.53
N GLU A 16 -23.61 3.94 3.06
CA GLU A 16 -23.74 3.44 1.66
C GLU A 16 -23.91 4.63 0.68
N GLU A 17 -24.23 5.84 1.14
CA GLU A 17 -24.34 7.03 0.26
C GLU A 17 -23.03 7.83 0.21
N ALA A 18 -22.05 7.60 1.09
CA ALA A 18 -20.86 8.49 1.14
C ALA A 18 -19.89 8.13 0.01
N LYS A 19 -19.36 9.15 -0.67
CA LYS A 19 -18.46 8.95 -1.82
C LYS A 19 -17.31 9.94 -1.71
N LEU A 20 -16.20 9.59 -2.37
CA LEU A 20 -14.95 10.36 -2.34
C LEU A 20 -14.51 10.60 -3.79
N PRO A 21 -14.04 11.84 -4.11
CA PRO A 21 -13.59 12.18 -5.46
C PRO A 21 -12.45 11.24 -5.90
N VAL A 22 -12.52 10.74 -7.13
CA VAL A 22 -11.46 9.88 -7.71
C VAL A 22 -10.17 10.67 -7.84
N THR A 23 -10.19 12.00 -7.73
CA THR A 23 -8.94 12.81 -7.82
C THR A 23 -8.09 12.50 -6.58
N ASP A 24 -8.68 12.02 -5.50
CA ASP A 24 -7.94 11.85 -4.21
C ASP A 24 -6.85 10.80 -4.37
N LEU A 25 -5.64 11.09 -3.89
CA LEU A 25 -4.49 10.18 -4.03
C LEU A 25 -4.61 8.98 -3.10
N ILE A 26 -5.61 8.93 -2.21
CA ILE A 26 -5.86 7.68 -1.46
C ILE A 26 -6.30 6.61 -2.48
N ILE A 27 -7.13 7.02 -3.42
CA ILE A 27 -7.65 6.14 -4.49
C ILE A 27 -6.54 5.90 -5.52
N GLN A 28 -5.87 6.96 -5.99
CA GLN A 28 -4.96 6.83 -7.16
C GLN A 28 -3.64 6.13 -6.75
N ARG A 29 -3.20 6.35 -5.52
CA ARG A 29 -1.82 6.04 -5.12
C ARG A 29 -1.75 5.45 -3.70
N GLY A 30 -2.88 5.07 -3.11
CA GLY A 30 -2.87 4.46 -1.75
C GLY A 30 -2.41 5.40 -0.65
N VAL A 31 -2.51 6.72 -0.83
CA VAL A 31 -2.06 7.69 0.20
C VAL A 31 -3.17 7.91 1.21
N GLY A 32 -3.07 7.23 2.34
CA GLY A 32 -4.10 7.36 3.38
C GLY A 32 -3.62 6.77 4.68
N VAL A 33 -4.09 7.32 5.78
CA VAL A 33 -3.88 6.71 7.12
C VAL A 33 -5.24 6.63 7.80
N PHE A 34 -5.36 5.73 8.75
CA PHE A 34 -6.58 5.59 9.56
C PHE A 34 -6.29 4.94 10.92
N GLU A 35 -7.33 4.95 11.73
CA GLU A 35 -7.40 4.26 13.03
C GLU A 35 -8.68 3.47 13.10
N THR A 36 -8.69 2.46 13.92
CA THR A 36 -9.90 1.75 14.35
C THR A 36 -10.05 1.95 15.86
N ILE A 37 -11.18 2.52 16.24
CA ILE A 37 -11.51 2.82 17.65
C ILE A 37 -12.74 1.98 17.97
N SER A 38 -12.76 1.30 19.11
CA SER A 38 -13.96 0.51 19.46
C SER A 38 -14.55 1.03 20.77
N THR A 39 -15.75 0.59 21.08
CA THR A 39 -16.50 0.96 22.31
C THR A 39 -16.68 -0.28 23.19
N HIS A 40 -16.72 0.00 24.49
CA HIS A 40 -17.29 -0.89 25.53
C HIS A 40 -18.35 -0.08 26.25
N SER A 41 -19.55 -0.64 26.39
CA SER A 41 -20.71 0.08 26.99
C SER A 41 -20.92 1.42 26.23
N ARG A 42 -20.68 1.42 24.91
CA ARG A 42 -20.90 2.60 24.01
C ARG A 42 -19.98 3.77 24.40
N ARG A 43 -18.87 3.49 25.07
CA ARG A 43 -17.85 4.53 25.32
C ARG A 43 -16.56 4.20 24.57
N PRO A 44 -15.91 5.18 23.90
CA PRO A 44 -14.73 4.90 23.09
C PRO A 44 -13.49 4.55 23.90
N LEU A 45 -12.87 3.40 23.61
CA LEU A 45 -11.65 2.92 24.31
C LEU A 45 -10.40 3.54 23.69
N MET A 46 -9.53 4.11 24.53
CA MET A 46 -8.24 4.72 24.13
C MET A 46 -8.43 5.73 23.02
N LEU A 47 -9.47 6.58 23.10
CA LEU A 47 -9.71 7.60 22.05
C LEU A 47 -8.49 8.49 21.85
N THR A 48 -7.96 9.09 22.92
CA THR A 48 -6.83 10.04 22.81
C THR A 48 -5.60 9.32 22.25
N PRO A 49 -5.15 8.19 22.81
CA PRO A 49 -4.05 7.43 22.21
C PRO A 49 -4.27 7.11 20.72
N HIS A 50 -5.48 6.73 20.32
CA HIS A 50 -5.78 6.49 18.89
C HIS A 50 -5.61 7.76 18.07
N LEU A 51 -6.19 8.91 18.51
CA LEU A 51 -6.10 10.15 17.74
C LEU A 51 -4.66 10.65 17.66
N LYS A 52 -3.88 10.47 18.73
CA LYS A 52 -2.45 10.84 18.69
C LYS A 52 -1.74 9.92 17.67
N ARG A 53 -2.11 8.64 17.62
CA ARG A 53 -1.48 7.68 16.66
C ARG A 53 -1.84 8.15 15.23
N LEU A 54 -3.08 8.56 15.00
CA LEU A 54 -3.56 9.03 13.68
C LEU A 54 -2.73 10.24 13.23
N GLU A 55 -2.49 11.18 14.12
CA GLU A 55 -1.67 12.37 13.81
C GLU A 55 -0.26 11.90 13.51
N GLY A 56 0.29 10.96 14.30
CA GLY A 56 1.64 10.42 14.03
C GLY A 56 1.70 9.84 12.62
N SER A 57 0.66 9.09 12.23
CA SER A 57 0.62 8.40 10.93
C SER A 57 0.63 9.47 9.84
N ALA A 58 -0.18 10.51 9.99
CA ALA A 58 -0.31 11.56 8.97
C ALA A 58 1.03 12.31 8.83
N THR A 59 1.60 12.75 9.94
CA THR A 59 2.86 13.56 9.97
C THR A 59 4.01 12.74 9.39
N ALA A 60 4.12 11.47 9.76
CA ALA A 60 5.16 10.57 9.23
C ALA A 60 4.96 10.33 7.73
N SER A 61 3.73 10.51 7.22
CA SER A 61 3.38 10.29 5.79
C SER A 61 3.38 11.62 5.03
N SER A 62 3.86 12.72 5.63
CA SER A 62 3.96 14.05 4.98
C SER A 62 2.56 14.57 4.65
N ILE A 63 1.56 14.14 5.43
CA ILE A 63 0.16 14.60 5.21
C ILE A 63 -0.13 15.66 6.27
N VAL A 64 -0.52 16.83 5.83
CA VAL A 64 -0.92 17.94 6.73
C VAL A 64 -2.33 17.61 7.25
N MET A 65 -2.51 17.56 8.55
CA MET A 65 -3.80 17.21 9.16
C MET A 65 -4.90 18.15 8.64
N PRO A 66 -6.01 17.58 8.17
CA PRO A 66 -7.10 18.38 7.65
C PRO A 66 -8.03 18.92 8.74
N ALA A 67 -7.90 18.43 9.95
CA ALA A 67 -8.71 18.90 11.11
C ALA A 67 -7.86 18.74 12.36
N THR A 68 -8.21 19.46 13.42
CA THR A 68 -7.54 19.31 14.72
C THR A 68 -8.03 18.01 15.33
N LEU A 69 -7.26 17.47 16.23
CA LEU A 69 -7.65 16.26 17.00
C LEU A 69 -8.89 16.59 17.83
N ASP A 70 -9.00 17.78 18.38
CA ASP A 70 -10.22 18.15 19.16
C ASP A 70 -11.44 18.01 18.26
N GLU A 71 -11.32 18.50 17.03
CA GLU A 71 -12.43 18.45 16.07
C GLU A 71 -12.70 16.98 15.76
N MET A 72 -11.67 16.17 15.52
CA MET A 72 -11.92 14.73 15.24
C MET A 72 -12.62 14.07 16.41
N ALA A 73 -12.21 14.34 17.65
CA ALA A 73 -12.85 13.78 18.85
C ALA A 73 -14.31 14.20 18.91
N ARG A 74 -14.61 15.48 18.58
CA ARG A 74 -16.00 16.04 18.56
C ARG A 74 -16.82 15.16 17.61
N ILE A 75 -16.34 14.94 16.38
CA ILE A 75 -17.07 14.17 15.34
C ILE A 75 -17.28 12.73 15.83
N ILE A 76 -16.22 12.12 16.37
CA ILE A 76 -16.31 10.68 16.79
C ILE A 76 -17.36 10.54 17.91
N ARG A 77 -17.34 11.41 18.90
CA ARG A 77 -18.35 11.35 19.99
C ARG A 77 -19.76 11.56 19.42
N GLU A 78 -19.92 12.51 18.51
CA GLU A 78 -21.27 12.83 17.95
C GLU A 78 -21.77 11.61 17.20
N GLY A 79 -20.90 10.94 16.43
CA GLY A 79 -21.32 9.76 15.66
C GLY A 79 -21.65 8.57 16.55
N ILE A 80 -20.84 8.30 17.57
CA ILE A 80 -21.16 7.23 18.54
C ILE A 80 -22.52 7.54 19.18
N LYS A 81 -22.82 8.77 19.53
CA LYS A 81 -24.14 9.09 20.16
C LYS A 81 -25.26 8.74 19.16
N LYS A 82 -25.11 9.13 17.89
CA LYS A 82 -26.08 8.82 16.82
C LYS A 82 -26.22 7.29 16.64
N MET A 83 -25.18 6.48 16.83
CA MET A 83 -25.26 5.02 16.56
C MET A 83 -26.13 4.33 17.63
N GLY A 84 -26.02 4.78 18.87
CA GLY A 84 -26.77 4.23 20.00
C GLY A 84 -26.53 2.74 20.20
N CYS A 85 -25.37 2.21 19.79
CA CYS A 85 -24.99 0.77 20.01
C CYS A 85 -23.47 0.63 20.14
N GLU A 86 -22.94 -0.56 20.41
CA GLU A 86 -21.46 -0.79 20.43
C GLU A 86 -20.96 -0.56 18.99
N THR A 87 -19.91 0.24 18.84
CA THR A 87 -19.52 0.82 17.54
C THR A 87 -18.02 0.60 17.29
N MET A 88 -17.67 0.29 16.06
CA MET A 88 -16.28 0.40 15.54
CA MET A 88 -16.29 0.37 15.50
C MET A 88 -16.24 1.65 14.65
N VAL A 89 -15.34 2.58 15.01
CA VAL A 89 -15.18 3.91 14.38
C VAL A 89 -13.84 3.94 13.64
N ARG A 90 -13.86 4.34 12.39
CA ARG A 90 -12.62 4.48 11.58
C ARG A 90 -12.55 5.87 10.98
N PRO A 91 -11.76 6.76 11.62
CA PRO A 91 -11.40 8.00 10.96
C PRO A 91 -10.33 7.73 9.90
N TYR A 92 -10.52 8.29 8.72
CA TYR A 92 -9.58 8.23 7.57
C TYR A 92 -9.07 9.62 7.24
N ILE A 93 -7.77 9.73 7.02
CA ILE A 93 -7.14 10.95 6.54
C ILE A 93 -6.53 10.64 5.18
N THR A 94 -6.95 11.37 4.15
CA THR A 94 -6.54 11.06 2.76
C THR A 94 -5.36 11.93 2.36
N GLY A 95 -4.67 11.53 1.30
CA GLY A 95 -3.64 12.39 0.69
C GLY A 95 -4.23 13.62 0.03
N GLY A 96 -5.46 13.56 -0.41
CA GLY A 96 -6.07 14.63 -1.19
C GLY A 96 -5.49 14.67 -2.60
N ASP A 97 -5.73 15.78 -3.30
CA ASP A 97 -5.58 15.78 -4.77
C ASP A 97 -4.13 15.99 -5.20
N SER A 98 -3.23 16.46 -4.32
CA SER A 98 -1.87 16.81 -4.78
C SER A 98 -0.80 16.65 -3.70
N PHE A 99 0.37 16.27 -4.20
CA PHE A 99 1.68 16.35 -3.51
C PHE A 99 2.38 17.60 -4.03
N GLY A 100 2.58 18.60 -3.18
CA GLY A 100 3.15 19.91 -3.54
C GLY A 100 4.65 19.81 -3.82
N LYS A 101 5.24 20.91 -4.32
CA LYS A 101 6.70 21.04 -4.57
C LYS A 101 7.40 21.08 -3.19
N ASP A 102 6.65 21.39 -2.11
CA ASP A 102 7.13 21.38 -0.69
C ASP A 102 7.11 19.95 -0.11
N HIS A 103 6.80 18.94 -0.93
CA HIS A 103 6.85 17.52 -0.51
C HIS A 103 5.87 17.28 0.64
N LEU A 104 4.72 17.94 0.63
CA LEU A 104 3.62 17.68 1.59
C LEU A 104 2.30 17.48 0.83
N PHE A 105 1.39 16.72 1.42
CA PHE A 105 -0.04 16.66 1.01
C PHE A 105 -0.82 17.72 1.80
N SER A 106 -1.15 18.83 1.15
CA SER A 106 -1.69 20.05 1.79
C SER A 106 -3.20 20.21 1.61
N SER A 107 -3.86 19.34 0.86
CA SER A 107 -5.33 19.39 0.63
C SER A 107 -5.96 18.05 1.03
N SER A 108 -5.53 17.52 2.17
CA SER A 108 -6.02 16.26 2.75
C SER A 108 -7.54 16.34 2.90
N ARG A 109 -8.23 15.22 2.65
CA ARG A 109 -9.66 15.07 3.05
C ARG A 109 -9.74 14.16 4.28
N TYR A 110 -10.87 14.19 4.96
CA TYR A 110 -11.09 13.24 6.08
C TYR A 110 -12.53 12.81 6.06
N PHE A 111 -12.74 11.61 6.54
CA PHE A 111 -14.11 11.09 6.76
C PHE A 111 -14.02 10.09 7.90
N VAL A 112 -15.14 9.86 8.54
CA VAL A 112 -15.20 8.93 9.68
C VAL A 112 -16.32 7.93 9.42
N ILE A 113 -15.97 6.65 9.41
CA ILE A 113 -16.92 5.52 9.30
C ILE A 113 -17.33 5.05 10.70
N PHE A 114 -18.63 4.82 10.86
CA PHE A 114 -19.28 4.30 12.09
C PHE A 114 -20.09 3.05 11.74
N GLU A 115 -19.70 1.91 12.31
CA GLU A 115 -20.34 0.60 11.99
C GLU A 115 -20.63 -0.11 13.30
N GLU A 116 -21.72 -0.91 13.29
CA GLU A 116 -22.04 -1.75 14.47
C GLU A 116 -20.84 -2.67 14.64
N ILE A 117 -20.37 -2.84 15.86
CA ILE A 117 -19.15 -3.67 16.09
C ILE A 117 -19.40 -5.13 15.72
N ARG A 118 -18.41 -5.79 15.12
CA ARG A 118 -18.47 -7.24 14.80
C ARG A 118 -17.30 -7.93 15.48
N LYS A 119 -17.53 -8.45 16.68
CA LYS A 119 -16.53 -9.21 17.47
C LYS A 119 -16.31 -10.54 16.78
N PRO A 120 -15.10 -11.11 16.88
CA PRO A 120 -14.93 -12.49 16.47
C PRO A 120 -15.94 -13.44 17.12
N ASP A 121 -16.28 -14.51 16.43
CA ASP A 121 -17.26 -15.49 16.94
C ASP A 121 -16.71 -16.06 18.25
N PRO A 122 -17.56 -16.21 19.30
CA PRO A 122 -17.13 -16.84 20.55
C PRO A 122 -16.37 -18.16 20.38
N ILE A 123 -16.60 -18.91 19.30
CA ILE A 123 -15.92 -20.21 19.07
C ILE A 123 -14.40 -19.96 18.88
N LEU A 124 -14.04 -18.81 18.31
CA LEU A 124 -12.63 -18.50 18.00
C LEU A 124 -11.86 -18.31 19.28
N TYR A 125 -12.50 -17.73 20.31
CA TYR A 125 -11.93 -17.55 21.65
C TYR A 125 -11.81 -18.91 22.32
N GLU A 126 -12.73 -19.85 22.05
CA GLU A 126 -12.70 -21.20 22.65
C GLU A 126 -11.62 -22.06 21.97
N LYS A 127 -11.54 -22.01 20.64
CA LYS A 127 -10.66 -22.91 19.85
C LYS A 127 -9.27 -22.28 19.58
N GLY A 128 -9.21 -20.94 19.57
CA GLY A 128 -8.06 -20.19 19.02
C GLY A 128 -7.99 -20.26 17.51
N VAL A 129 -7.04 -19.52 16.93
CA VAL A 129 -6.94 -19.35 15.46
C VAL A 129 -5.54 -19.70 15.01
N ALA A 130 -5.40 -19.85 13.70
CA ALA A 130 -4.16 -20.14 12.98
C ALA A 130 -3.66 -18.86 12.29
N LEU A 131 -2.34 -18.67 12.28
CA LEU A 131 -1.72 -17.52 11.57
C LEU A 131 -0.89 -18.07 10.42
N HIS A 132 -0.79 -17.30 9.34
CA HIS A 132 0.07 -17.65 8.17
C HIS A 132 1.29 -16.73 8.15
N PRO A 133 2.49 -17.29 8.41
CA PRO A 133 3.71 -16.47 8.43
C PRO A 133 4.17 -16.14 6.99
N ILE A 134 4.63 -14.93 6.79
CA ILE A 134 5.19 -14.48 5.48
C ILE A 134 6.52 -13.80 5.71
N ASN A 135 7.38 -13.89 4.71
CA ASN A 135 8.69 -13.21 4.80
C ASN A 135 8.55 -11.81 4.23
N ALA A 136 8.04 -10.87 5.01
CA ALA A 136 7.72 -9.48 4.60
C ALA A 136 7.71 -8.61 5.87
N GLU A 137 7.77 -7.29 5.71
CA GLU A 137 7.66 -6.34 6.84
C GLU A 137 6.75 -5.23 6.39
N ARG A 138 6.12 -4.56 7.35
CA ARG A 138 5.42 -3.27 7.17
C ARG A 138 6.47 -2.17 7.19
N TYR A 139 6.59 -1.41 6.10
CA TYR A 139 7.50 -0.23 6.03
C TYR A 139 6.87 0.91 6.81
N LEU A 140 7.72 1.72 7.45
CA LEU A 140 7.28 2.83 8.35
C LEU A 140 6.31 2.25 9.36
N PRO A 141 6.74 1.26 10.18
CA PRO A 141 5.78 0.47 10.93
C PRO A 141 5.02 1.23 12.04
N SER A 142 5.50 2.40 12.45
CA SER A 142 4.78 3.26 13.41
C SER A 142 3.52 3.83 12.75
N THR A 143 3.52 3.88 11.42
CA THR A 143 2.43 4.48 10.61
C THR A 143 1.37 3.42 10.34
N LYS A 144 0.11 3.75 10.59
CA LYS A 144 -1.00 2.85 10.18
C LYS A 144 -1.58 3.38 8.87
N SER A 145 -1.13 2.87 7.75
CA SER A 145 -1.64 3.27 6.39
C SER A 145 -2.85 2.41 6.03
N ILE A 146 -3.56 2.78 4.96
CA ILE A 146 -4.74 2.05 4.43
C ILE A 146 -4.32 0.81 3.63
N ASN A 147 -3.03 0.60 3.36
CA ASN A 147 -2.59 -0.50 2.46
C ASN A 147 -2.62 -1.86 3.20
N TYR A 148 -3.68 -2.64 2.96
CA TYR A 148 -3.87 -4.01 3.50
C TYR A 148 -3.94 -5.02 2.37
N MET A 149 -3.49 -4.65 1.16
CA MET A 149 -3.68 -5.56 0.02
C MET A 149 -2.95 -6.88 0.24
N LEU A 150 -1.76 -6.91 0.81
CA LEU A 150 -0.99 -8.17 1.07
C LEU A 150 -1.78 -9.08 2.04
N SER A 151 -2.55 -8.52 2.98
CA SER A 151 -3.41 -9.28 3.93
C SER A 151 -4.47 -10.09 3.17
N PHE A 152 -4.85 -9.66 1.97
CA PHE A 152 -5.89 -10.34 1.16
C PHE A 152 -5.27 -11.23 0.08
N THR A 153 -4.36 -10.69 -0.72
CA THR A 153 -3.80 -11.37 -1.92
C THR A 153 -3.03 -12.60 -1.42
N GLY A 154 -2.46 -12.50 -0.21
CA GLY A 154 -1.72 -13.59 0.47
C GLY A 154 -2.62 -14.65 1.09
N GLN A 155 -3.94 -14.65 0.85
CA GLN A 155 -4.86 -15.68 1.39
C GLN A 155 -5.03 -16.85 0.42
N ARG A 156 -4.52 -16.73 -0.82
CA ARG A 156 -4.42 -17.85 -1.81
C ARG A 156 -3.66 -19.01 -1.15
N ASP A 157 -2.52 -18.71 -0.51
CA ASP A 157 -1.57 -19.71 0.04
C ASP A 157 -1.78 -19.88 1.57
N SER A 158 -2.88 -19.36 2.12
CA SER A 158 -3.09 -19.15 3.58
C SER A 158 -3.54 -20.43 4.29
N LYS A 159 -4.18 -21.35 3.57
CA LYS A 159 -4.76 -22.59 4.15
C LYS A 159 -5.76 -22.20 5.23
N GLY A 160 -6.57 -21.17 4.97
CA GLY A 160 -7.66 -20.75 5.86
C GLY A 160 -7.17 -20.12 7.15
N ALA A 161 -5.93 -19.62 7.20
CA ALA A 161 -5.44 -18.88 8.38
C ALA A 161 -6.37 -17.70 8.63
N TYR A 162 -6.50 -17.33 9.89
CA TYR A 162 -7.29 -16.18 10.34
C TYR A 162 -6.63 -14.89 9.88
N GLU A 163 -5.30 -14.84 9.95
CA GLU A 163 -4.56 -13.59 9.74
C GLU A 163 -3.14 -13.95 9.36
N ILE A 164 -2.55 -13.11 8.51
CA ILE A 164 -1.11 -13.10 8.11
C ILE A 164 -0.26 -12.58 9.25
N LEU A 165 0.92 -13.16 9.43
CA LEU A 165 1.90 -12.75 10.45
C LEU A 165 3.21 -12.35 9.74
N TYR A 166 3.61 -11.08 9.87
CA TYR A 166 4.82 -10.54 9.23
C TYR A 166 6.04 -11.09 9.96
N CYS A 167 6.80 -11.96 9.28
CA CYS A 167 7.96 -12.69 9.87
C CYS A 167 9.20 -12.47 9.04
N PRO A 168 9.69 -11.22 8.91
CA PRO A 168 10.82 -10.92 8.03
C PRO A 168 12.08 -11.67 8.51
N GLU A 169 12.67 -12.48 7.62
CA GLU A 169 13.92 -13.25 7.92
C GLU A 169 13.67 -14.16 9.13
N GLY A 170 12.45 -14.65 9.36
CA GLY A 170 12.13 -15.57 10.48
C GLY A 170 11.96 -14.92 11.85
N GLU A 171 11.95 -13.59 11.92
CA GLU A 171 11.68 -12.81 13.17
C GLU A 171 10.21 -12.38 13.14
N ILE A 172 9.46 -12.83 14.12
CA ILE A 172 8.02 -12.47 14.21
C ILE A 172 7.91 -11.01 14.65
N VAL A 173 7.22 -10.21 13.86
CA VAL A 173 6.95 -8.79 14.26
C VAL A 173 5.48 -8.66 14.69
N GLU A 174 4.54 -8.73 13.75
CA GLU A 174 3.12 -8.54 14.08
C GLU A 174 2.19 -9.09 12.99
N GLY A 175 0.91 -9.12 13.30
CA GLY A 175 -0.10 -9.50 12.31
C GLY A 175 -0.43 -8.33 11.43
N SER A 176 -1.15 -8.60 10.36
CA SER A 176 -1.63 -7.53 9.46
C SER A 176 -2.59 -6.61 10.20
N HIS A 177 -3.34 -7.08 11.20
CA HIS A 177 -4.36 -6.28 11.92
C HIS A 177 -4.11 -6.31 13.43
N SER A 178 -3.01 -6.90 13.89
CA SER A 178 -2.92 -7.28 15.32
C SER A 178 -1.48 -7.18 15.83
N THR A 179 -1.32 -7.01 17.14
CA THR A 179 -0.04 -7.20 17.86
C THR A 179 0.07 -8.69 18.11
N PHE A 180 1.27 -9.23 18.04
CA PHE A 180 1.50 -10.67 18.38
C PHE A 180 2.22 -10.81 19.72
N PHE A 181 1.71 -11.70 20.58
CA PHE A 181 2.37 -12.08 21.86
C PHE A 181 2.65 -13.57 21.88
N LEU A 182 3.88 -13.93 22.26
CA LEU A 182 4.25 -15.32 22.59
C LEU A 182 4.36 -15.46 24.10
N ILE A 183 4.03 -16.65 24.62
CA ILE A 183 4.19 -16.98 26.06
C ILE A 183 5.17 -18.15 26.14
N LYS A 184 6.30 -17.91 26.84
CA LYS A 184 7.32 -18.91 27.21
C LYS A 184 7.58 -18.77 28.72
N ASN A 185 7.50 -19.87 29.46
CA ASN A 185 7.89 -19.87 30.89
C ASN A 185 7.07 -18.88 31.67
N GLY A 186 5.78 -18.77 31.35
CA GLY A 186 4.84 -17.95 32.13
C GLY A 186 5.11 -16.47 31.95
N HIS A 187 5.85 -16.06 30.91
CA HIS A 187 5.95 -14.61 30.60
C HIS A 187 5.83 -14.33 29.09
N LEU A 188 5.77 -13.03 28.81
CA LEU A 188 5.25 -12.47 27.54
C LEU A 188 6.45 -12.05 26.69
N ILE A 189 6.46 -12.40 25.40
CA ILE A 189 7.46 -11.98 24.41
C ILE A 189 6.67 -11.24 23.31
N THR A 190 7.03 -10.03 22.98
CA THR A 190 6.39 -9.27 21.88
C THR A 190 7.39 -8.30 21.25
N ALA A 191 7.29 -8.11 19.94
CA ALA A 191 8.21 -7.25 19.18
C ALA A 191 8.19 -5.84 19.75
N PRO A 192 9.37 -5.18 19.75
CA PRO A 192 9.46 -3.79 20.15
C PRO A 192 8.77 -2.89 19.12
N THR A 193 8.37 -1.70 19.54
CA THR A 193 7.64 -0.74 18.71
C THR A 193 8.64 -0.03 17.78
N SER A 194 9.94 -0.34 17.85
CA SER A 194 10.84 0.02 16.71
C SER A 194 10.44 -0.76 15.46
N ARG A 195 9.78 -1.93 15.59
CA ARG A 195 9.45 -2.82 14.46
C ARG A 195 7.94 -2.98 14.27
N ALA A 196 7.16 -2.92 15.36
CA ALA A 196 5.70 -3.14 15.33
C ALA A 196 4.96 -1.86 15.67
N LEU A 197 3.75 -1.74 15.13
CA LEU A 197 2.80 -0.68 15.50
C LEU A 197 2.68 -0.62 17.03
N SER A 198 2.62 0.59 17.59
CA SER A 198 2.33 0.81 19.04
C SER A 198 0.84 0.57 19.29
N GLY A 199 0.42 -0.69 19.27
CA GLY A 199 -0.99 -1.05 19.52
C GLY A 199 -1.52 -0.47 20.81
N THR A 200 -2.79 -0.06 20.83
CA THR A 200 -3.45 0.42 22.05
C THR A 200 -3.72 -0.79 22.96
N THR A 201 -4.11 -1.93 22.40
CA THR A 201 -4.39 -3.15 23.20
C THR A 201 -3.06 -3.63 23.79
N ARG A 202 -2.03 -3.62 22.97
CA ARG A 202 -0.64 -3.92 23.37
C ARG A 202 -0.25 -3.09 24.59
N GLN A 203 -0.51 -1.79 24.55
CA GLN A 203 -0.09 -0.84 25.62
C GLN A 203 -0.80 -1.30 26.91
N ILE A 204 -2.10 -1.54 26.83
CA ILE A 204 -2.90 -2.03 27.98
C ILE A 204 -2.41 -3.37 28.50
N VAL A 205 -2.13 -4.34 27.64
CA VAL A 205 -1.61 -5.66 28.08
C VAL A 205 -0.27 -5.50 28.82
N LEU A 206 0.64 -4.67 28.36
CA LEU A 206 1.93 -4.47 29.05
C LEU A 206 1.68 -3.84 30.43
N GLU A 207 0.71 -2.92 30.55
CA GLU A 207 0.37 -2.30 31.86
C GLU A 207 -0.23 -3.40 32.74
N LEU A 208 -1.11 -4.26 32.21
CA LEU A 208 -1.68 -5.37 32.99
C LEU A 208 -0.56 -6.32 33.44
N ALA A 209 0.42 -6.58 32.58
CA ALA A 209 1.59 -7.43 32.94
C ALA A 209 2.41 -6.75 34.05
N ARG A 210 2.58 -5.43 34.00
CA ARG A 210 3.33 -4.70 35.05
C ARG A 210 2.59 -4.91 36.37
N ARG A 211 1.28 -4.68 36.39
CA ARG A 211 0.43 -4.82 37.61
C ARG A 211 0.50 -6.24 38.16
N GLY A 212 0.54 -7.24 37.28
CA GLY A 212 0.54 -8.65 37.69
C GLY A 212 1.94 -9.19 37.89
N ASN A 213 2.99 -8.38 37.82
CA ASN A 213 4.38 -8.88 37.93
C ASN A 213 4.62 -10.02 36.94
N ILE A 214 4.11 -9.87 35.72
CA ILE A 214 4.45 -10.82 34.63
C ILE A 214 5.52 -10.15 33.81
N GLN A 215 6.64 -10.84 33.60
CA GLN A 215 7.79 -10.32 32.82
C GLN A 215 7.38 -10.17 31.36
N VAL A 216 7.75 -9.05 30.74
CA VAL A 216 7.61 -8.80 29.29
C VAL A 216 8.99 -8.66 28.67
N GLU A 217 9.30 -9.48 27.68
CA GLU A 217 10.51 -9.23 26.84
C GLU A 217 10.10 -8.59 25.52
N GLU A 218 10.54 -7.35 25.27
CA GLU A 218 10.29 -6.59 24.03
C GLU A 218 11.38 -6.93 23.03
N ARG A 219 11.25 -8.11 22.42
CA ARG A 219 12.13 -8.60 21.34
C ARG A 219 11.24 -9.36 20.36
N CYS A 220 11.68 -9.50 19.11
CA CYS A 220 10.91 -10.31 18.14
C CYS A 220 11.01 -11.77 18.54
N PRO A 221 9.90 -12.48 18.86
CA PRO A 221 9.95 -13.93 19.00
C PRO A 221 10.39 -14.51 17.64
N LEU A 222 11.12 -15.63 17.63
CA LEU A 222 11.60 -16.26 16.37
C LEU A 222 10.69 -17.45 16.02
N LEU A 223 10.44 -17.65 14.74
CA LEU A 223 9.68 -18.86 14.28
C LEU A 223 10.36 -20.12 14.86
N THR A 224 11.69 -20.13 14.98
CA THR A 224 12.41 -21.33 15.49
C THR A 224 12.13 -21.53 16.97
N GLU A 225 11.68 -20.52 17.72
CA GLU A 225 11.36 -20.71 19.16
C GLU A 225 9.97 -21.32 19.38
N LEU A 226 9.12 -21.39 18.35
CA LEU A 226 7.67 -21.69 18.59
C LEU A 226 7.48 -23.09 19.17
N PRO A 227 8.31 -24.11 18.80
CA PRO A 227 8.16 -25.44 19.39
C PRO A 227 8.24 -25.45 20.92
N GLU A 228 8.94 -24.49 21.54
CA GLU A 228 9.12 -24.43 23.01
C GLU A 228 8.09 -23.51 23.67
N ALA A 229 7.22 -22.86 22.90
CA ALA A 229 6.25 -21.89 23.48
C ALA A 229 5.11 -22.66 24.15
N GLU A 230 4.51 -22.08 25.19
CA GLU A 230 3.32 -22.64 25.88
C GLU A 230 2.06 -22.10 25.22
N GLU A 231 2.03 -20.82 24.83
CA GLU A 231 0.79 -20.14 24.34
C GLU A 231 1.20 -19.02 23.38
N ALA A 232 0.19 -18.48 22.70
CA ALA A 232 0.35 -17.26 21.90
C ALA A 232 -1.03 -16.61 21.73
N PHE A 233 -1.05 -15.31 21.50
CA PHE A 233 -2.31 -14.59 21.22
C PHE A 233 -2.01 -13.35 20.40
N ILE A 234 -3.05 -12.85 19.71
CA ILE A 234 -2.95 -11.58 18.98
C ILE A 234 -3.92 -10.59 19.65
N THR A 235 -3.61 -9.32 19.55
CA THR A 235 -4.44 -8.27 20.17
C THR A 235 -4.82 -7.19 19.16
N GLY A 236 -5.96 -6.59 19.41
CA GLY A 236 -6.48 -5.42 18.71
C GLY A 236 -7.77 -4.96 19.38
N THR A 237 -8.22 -3.75 19.13
CA THR A 237 -9.27 -3.15 19.96
C THR A 237 -10.58 -3.92 19.74
N VAL A 238 -10.83 -4.40 18.54
CA VAL A 238 -12.08 -5.17 18.31
C VAL A 238 -11.91 -6.61 18.86
N LYS A 239 -10.80 -7.26 18.53
CA LYS A 239 -10.65 -8.69 18.84
C LYS A 239 -10.26 -8.93 20.31
N GLU A 240 -9.84 -7.92 21.02
CA GLU A 240 -9.35 -8.02 22.43
C GLU A 240 -8.07 -8.91 22.42
N LEU A 241 -8.06 -10.00 23.17
CA LEU A 241 -6.99 -11.03 23.16
C LEU A 241 -7.57 -12.26 22.53
N LEU A 242 -7.04 -12.67 21.37
CA LEU A 242 -7.51 -13.81 20.57
C LEU A 242 -6.43 -14.89 20.56
N PRO A 243 -6.67 -16.09 21.14
CA PRO A 243 -5.64 -17.11 21.28
C PRO A 243 -5.21 -17.55 19.89
N VAL A 244 -3.91 -17.84 19.78
CA VAL A 244 -3.30 -18.40 18.56
C VAL A 244 -2.80 -19.80 18.87
N VAL A 245 -3.28 -20.83 18.16
CA VAL A 245 -2.95 -22.25 18.48
C VAL A 245 -2.09 -22.85 17.37
N ARG A 246 -1.88 -22.15 16.27
CA ARG A 246 -1.07 -22.67 15.13
C ARG A 246 -0.43 -21.51 14.40
N ILE A 247 0.85 -21.65 14.06
CA ILE A 247 1.53 -20.68 13.18
C ILE A 247 2.19 -21.48 12.09
N GLY A 248 1.71 -21.30 10.87
CA GLY A 248 2.15 -22.11 9.72
C GLY A 248 1.71 -23.52 9.95
N ASP A 249 2.68 -24.45 9.95
CA ASP A 249 2.47 -25.89 10.27
C ASP A 249 2.80 -26.18 11.72
N GLN A 250 3.09 -25.15 12.53
CA GLN A 250 3.62 -25.41 13.90
C GLN A 250 2.47 -25.21 14.90
N ILE A 251 2.15 -26.27 15.63
CA ILE A 251 1.15 -26.17 16.74
C ILE A 251 1.80 -25.41 17.89
N ILE A 252 1.08 -24.52 18.52
CA ILE A 252 1.56 -23.80 19.72
C ILE A 252 1.10 -24.55 20.97
N GLY A 253 2.05 -24.98 21.79
CA GLY A 253 1.81 -25.75 23.02
C GLY A 253 1.01 -27.00 22.71
N ASN A 254 -0.07 -27.21 23.43
CA ASN A 254 -1.00 -28.37 23.21
C ASN A 254 -2.17 -28.00 22.27
N GLY A 255 -2.10 -26.87 21.57
CA GLY A 255 -3.04 -26.59 20.47
C GLY A 255 -4.41 -26.14 20.91
N VAL A 256 -4.56 -25.73 22.17
CA VAL A 256 -5.80 -25.08 22.66
C VAL A 256 -5.39 -23.82 23.39
N PRO A 257 -6.34 -22.88 23.63
CA PRO A 257 -6.01 -21.67 24.36
C PRO A 257 -5.43 -21.98 25.74
N GLY A 258 -4.43 -21.19 26.16
CA GLY A 258 -3.65 -21.42 27.38
C GLY A 258 -4.17 -20.61 28.54
N LYS A 259 -3.67 -20.96 29.72
CA LYS A 259 -4.23 -20.37 30.96
C LYS A 259 -3.76 -18.92 31.12
N LEU A 260 -2.56 -18.52 30.69
CA LEU A 260 -2.14 -17.12 30.93
C LEU A 260 -2.90 -16.18 29.95
N THR A 261 -3.12 -16.63 28.72
CA THR A 261 -3.97 -15.90 27.73
C THR A 261 -5.37 -15.64 28.36
N LYS A 262 -6.03 -16.70 28.85
CA LYS A 262 -7.42 -16.58 29.38
C LYS A 262 -7.43 -15.68 30.61
N HIS A 263 -6.42 -15.81 31.47
CA HIS A 263 -6.21 -14.89 32.61
C HIS A 263 -6.08 -13.43 32.16
N LEU A 264 -5.18 -13.14 31.24
CA LEU A 264 -5.01 -11.71 30.79
C LEU A 264 -6.31 -11.20 30.15
N HIS A 265 -7.02 -12.04 29.43
CA HIS A 265 -8.26 -11.63 28.74
C HIS A 265 -9.30 -11.25 29.81
N GLN A 266 -9.39 -12.03 30.89
CA GLN A 266 -10.35 -11.77 31.99
C GLN A 266 -9.98 -10.45 32.67
N VAL A 267 -8.70 -10.22 32.95
CA VAL A 267 -8.24 -9.00 33.66
C VAL A 267 -8.48 -7.79 32.75
N TYR A 268 -8.20 -7.95 31.45
CA TYR A 268 -8.50 -6.91 30.44
C TYR A 268 -9.98 -6.49 30.55
N LEU A 269 -10.90 -7.45 30.47
CA LEU A 269 -12.35 -7.13 30.46
C LEU A 269 -12.76 -6.55 31.82
N SER A 270 -12.21 -7.06 32.93
CA SER A 270 -12.47 -6.53 34.31
C SER A 270 -11.93 -5.10 34.46
N SER A 271 -10.90 -4.71 33.72
CA SER A 271 -10.15 -3.46 33.93
C SER A 271 -10.58 -2.37 32.95
N ILE A 272 -11.28 -2.75 31.88
CA ILE A 272 -11.36 -1.98 30.61
C ILE A 272 -11.82 -0.51 30.87
N VAL A 273 -12.67 -0.32 31.91
CA VAL A 273 -13.33 0.99 32.14
C VAL A 273 -12.26 2.05 32.31
N GLU A 274 -11.12 1.68 32.87
CA GLU A 274 -10.05 2.67 33.14
C GLU A 274 -9.70 3.44 31.86
N TRP A 275 -9.79 2.82 30.67
CA TRP A 275 -9.27 3.48 29.44
C TRP A 275 -10.38 3.97 28.53
N LEU A 276 -11.63 3.89 28.97
CA LEU A 276 -12.76 4.49 28.23
C LEU A 276 -12.70 6.01 28.42
N GLU A 277 -13.07 6.72 27.36
CA GLU A 277 -13.19 8.20 27.38
C GLU A 277 -14.64 8.50 26.98
N MET B 3 -10.61 19.46 -21.33
CA MET B 3 -10.74 19.20 -19.88
C MET B 3 -10.43 17.72 -19.61
N ASN B 4 -9.95 17.42 -18.41
CA ASN B 4 -9.68 16.01 -17.98
C ASN B 4 -10.97 15.26 -17.77
N LEU B 5 -10.94 13.96 -18.05
CA LEU B 5 -12.15 13.15 -17.99
C LEU B 5 -11.96 11.96 -17.05
N CYS B 6 -13.07 11.45 -16.52
CA CYS B 6 -13.12 10.12 -15.89
C CYS B 6 -14.30 9.36 -16.48
N TYR B 7 -14.06 8.17 -17.01
CA TYR B 7 -15.15 7.23 -17.36
C TYR B 7 -15.50 6.39 -16.14
N ILE B 8 -16.75 6.48 -15.70
CA ILE B 8 -17.25 5.73 -14.51
C ILE B 8 -18.77 5.60 -14.63
N ASP B 9 -19.30 4.44 -14.28
CA ASP B 9 -20.75 4.14 -14.35
C ASP B 9 -21.27 4.43 -15.75
N GLY B 10 -20.55 4.06 -16.79
CA GLY B 10 -21.02 4.12 -18.19
C GLY B 10 -20.94 5.50 -18.83
N LYS B 11 -20.40 6.52 -18.17
CA LYS B 11 -20.37 7.90 -18.73
C LYS B 11 -18.96 8.48 -18.60
N PHE B 12 -18.60 9.37 -19.51
CA PHE B 12 -17.41 10.24 -19.35
C PHE B 12 -17.83 11.46 -18.53
N LEU B 13 -17.29 11.63 -17.32
CA LEU B 13 -17.53 12.83 -16.47
C LEU B 13 -16.32 13.72 -16.55
N PRO B 14 -16.47 15.04 -16.25
CA PRO B 14 -15.31 15.84 -15.92
C PRO B 14 -14.59 15.12 -14.76
N LEU B 15 -13.27 15.04 -14.83
CA LEU B 15 -12.46 14.27 -13.86
C LEU B 15 -12.81 14.66 -12.42
N GLU B 16 -12.93 15.96 -12.16
CA GLU B 16 -13.11 16.54 -10.81
C GLU B 16 -14.50 16.21 -10.25
N GLU B 17 -15.46 15.77 -11.06
CA GLU B 17 -16.83 15.42 -10.59
C GLU B 17 -16.99 13.93 -10.29
N ALA B 18 -16.10 13.05 -10.76
CA ALA B 18 -16.23 11.59 -10.56
C ALA B 18 -15.93 11.21 -9.10
N LYS B 19 -16.79 10.38 -8.51
CA LYS B 19 -16.63 9.97 -7.11
C LYS B 19 -16.80 8.46 -7.02
N LEU B 20 -16.29 7.90 -5.93
CA LEU B 20 -16.31 6.46 -5.63
C LEU B 20 -16.87 6.26 -4.22
N PRO B 21 -17.72 5.22 -4.01
CA PRO B 21 -18.28 4.94 -2.70
C PRO B 21 -17.17 4.64 -1.67
N VAL B 22 -17.27 5.22 -0.49
CA VAL B 22 -16.27 4.99 0.60
C VAL B 22 -16.36 3.52 1.05
N THR B 23 -17.41 2.78 0.67
CA THR B 23 -17.50 1.33 0.98
C THR B 23 -16.39 0.56 0.23
N ASP B 24 -15.91 1.09 -0.88
CA ASP B 24 -14.94 0.36 -1.75
C ASP B 24 -13.64 0.10 -1.01
N LEU B 25 -13.15 -1.13 -1.09
CA LEU B 25 -11.93 -1.57 -0.39
C LEU B 25 -10.69 -0.95 -1.00
N ILE B 26 -10.78 -0.28 -2.15
CA ILE B 26 -9.60 0.47 -2.63
C ILE B 26 -9.33 1.59 -1.62
N ILE B 27 -10.41 2.25 -1.18
CA ILE B 27 -10.33 3.36 -0.18
C ILE B 27 -9.99 2.77 1.21
N GLN B 28 -10.72 1.75 1.67
CA GLN B 28 -10.61 1.29 3.09
C GLN B 28 -9.33 0.49 3.32
N ARG B 29 -8.87 -0.26 2.32
CA ARG B 29 -7.81 -1.27 2.51
C ARG B 29 -6.76 -1.27 1.38
N GLY B 30 -6.81 -0.31 0.45
CA GLY B 30 -5.81 -0.19 -0.63
C GLY B 30 -5.91 -1.33 -1.66
N VAL B 31 -7.06 -1.93 -1.82
CA VAL B 31 -7.26 -3.05 -2.78
C VAL B 31 -7.61 -2.46 -4.16
N GLY B 32 -6.62 -2.42 -5.02
CA GLY B 32 -6.77 -1.83 -6.35
C GLY B 32 -5.59 -2.14 -7.22
N VAL B 33 -5.81 -2.26 -8.52
CA VAL B 33 -4.72 -2.33 -9.50
C VAL B 33 -5.02 -1.31 -10.62
N PHE B 34 -4.00 -0.92 -11.37
CA PHE B 34 -4.15 0.00 -12.50
C PHE B 34 -2.98 -0.10 -13.45
N GLU B 35 -3.12 0.61 -14.56
CA GLU B 35 -2.07 0.78 -15.58
C GLU B 35 -2.03 2.24 -16.00
N THR B 36 -0.89 2.65 -16.48
CA THR B 36 -0.70 3.98 -17.11
C THR B 36 -0.34 3.75 -18.58
N ILE B 37 -1.15 4.32 -19.46
CA ILE B 37 -0.99 4.17 -20.94
C ILE B 37 -0.80 5.57 -21.48
N SER B 38 0.16 5.78 -22.36
CA SER B 38 0.33 7.12 -22.95
C SER B 38 0.19 7.04 -24.47
N THR B 39 0.01 8.22 -25.09
CA THR B 39 -0.26 8.33 -26.55
C THR B 39 0.91 9.01 -27.22
N HIS B 40 1.11 8.64 -28.50
CA HIS B 40 1.91 9.40 -29.49
C HIS B 40 1.04 9.49 -30.73
N SER B 41 0.85 10.70 -31.23
CA SER B 41 0.00 10.97 -32.41
C SER B 41 -1.42 10.47 -32.09
N ARG B 42 -1.85 10.58 -30.82
CA ARG B 42 -3.22 10.26 -30.35
C ARG B 42 -3.48 8.75 -30.40
N ARG B 43 -2.45 7.95 -30.54
CA ARG B 43 -2.62 6.48 -30.51
C ARG B 43 -2.02 5.95 -29.22
N PRO B 44 -2.71 5.04 -28.49
CA PRO B 44 -2.11 4.47 -27.27
C PRO B 44 -0.93 3.55 -27.60
N LEU B 45 0.21 3.77 -26.93
CA LEU B 45 1.42 2.96 -27.10
C LEU B 45 1.29 1.67 -26.27
N MET B 46 1.55 0.51 -26.86
CA MET B 46 1.52 -0.82 -26.15
C MET B 46 0.20 -1.00 -25.41
N LEU B 47 -0.94 -0.61 -26.02
CA LEU B 47 -2.27 -0.76 -25.41
C LEU B 47 -2.49 -2.22 -24.97
N THR B 48 -2.29 -3.16 -25.88
CA THR B 48 -2.60 -4.59 -25.59
C THR B 48 -1.66 -5.08 -24.48
N PRO B 49 -0.32 -4.91 -24.57
CA PRO B 49 0.55 -5.25 -23.45
C PRO B 49 0.11 -4.65 -22.10
N HIS B 50 -0.29 -3.38 -22.10
CA HIS B 50 -0.81 -2.75 -20.84
C HIS B 50 -2.06 -3.45 -20.34
N LEU B 51 -3.04 -3.71 -21.20
CA LEU B 51 -4.32 -4.27 -20.73
C LEU B 51 -4.10 -5.73 -20.30
N LYS B 52 -3.19 -6.46 -20.94
CA LYS B 52 -2.81 -7.82 -20.47
C LYS B 52 -2.18 -7.71 -19.08
N ARG B 53 -1.33 -6.69 -18.85
CA ARG B 53 -0.70 -6.47 -17.53
C ARG B 53 -1.81 -6.18 -16.50
N LEU B 54 -2.82 -5.40 -16.86
CA LEU B 54 -3.92 -5.01 -15.93
C LEU B 54 -4.66 -6.27 -15.50
N GLU B 55 -5.01 -7.12 -16.46
CA GLU B 55 -5.70 -8.40 -16.15
C GLU B 55 -4.79 -9.22 -15.26
N GLY B 56 -3.50 -9.33 -15.56
CA GLY B 56 -2.55 -10.10 -14.73
C GLY B 56 -2.54 -9.57 -13.31
N SER B 57 -2.53 -8.24 -13.14
CA SER B 57 -2.53 -7.61 -11.81
C SER B 57 -3.80 -7.99 -11.07
N ALA B 58 -4.94 -7.92 -11.75
CA ALA B 58 -6.25 -8.13 -11.09
C ALA B 58 -6.32 -9.60 -10.65
N THR B 59 -6.02 -10.52 -11.57
CA THR B 59 -6.08 -11.99 -11.33
C THR B 59 -5.13 -12.37 -10.19
N ALA B 60 -3.90 -11.89 -10.21
CA ALA B 60 -2.90 -12.14 -9.15
C ALA B 60 -3.39 -11.59 -7.81
N SER B 61 -4.30 -10.62 -7.80
CA SER B 61 -4.79 -9.95 -6.57
C SER B 61 -6.17 -10.51 -6.19
N SER B 62 -6.64 -11.59 -6.82
CA SER B 62 -7.95 -12.23 -6.53
C SER B 62 -9.10 -11.29 -6.86
N ILE B 63 -8.89 -10.33 -7.79
CA ILE B 63 -9.99 -9.42 -8.21
C ILE B 63 -10.56 -9.93 -9.51
N VAL B 64 -11.86 -10.19 -9.54
CA VAL B 64 -12.57 -10.63 -10.75
C VAL B 64 -12.71 -9.41 -11.66
N MET B 65 -12.27 -9.52 -12.89
CA MET B 65 -12.38 -8.41 -13.88
C MET B 65 -13.82 -7.91 -13.95
N PRO B 66 -14.04 -6.60 -13.74
CA PRO B 66 -15.37 -6.03 -13.90
C PRO B 66 -15.75 -5.73 -15.35
N ALA B 67 -14.82 -5.81 -16.30
CA ALA B 67 -15.13 -5.61 -17.74
C ALA B 67 -14.14 -6.40 -18.57
N THR B 68 -14.48 -6.66 -19.83
CA THR B 68 -13.53 -7.33 -20.73
C THR B 68 -12.46 -6.32 -21.11
N LEU B 69 -11.30 -6.83 -21.51
CA LEU B 69 -10.23 -6.01 -22.10
C LEU B 69 -10.74 -5.32 -23.36
N ASP B 70 -11.59 -5.96 -24.17
CA ASP B 70 -12.06 -5.33 -25.43
C ASP B 70 -12.88 -4.09 -25.05
N GLU B 71 -13.72 -4.23 -24.03
CA GLU B 71 -14.57 -3.12 -23.57
C GLU B 71 -13.64 -2.03 -23.03
N MET B 72 -12.62 -2.37 -22.25
CA MET B 72 -11.70 -1.33 -21.72
CA MET B 72 -11.69 -1.35 -21.71
C MET B 72 -10.99 -0.63 -22.87
N ALA B 73 -10.53 -1.37 -23.88
CA ALA B 73 -9.87 -0.79 -25.08
C ALA B 73 -10.85 0.20 -25.76
N ARG B 74 -12.11 -0.15 -25.87
CA ARG B 74 -13.16 0.67 -26.53
C ARG B 74 -13.28 1.98 -25.75
N ILE B 75 -13.40 1.93 -24.42
CA ILE B 75 -13.51 3.13 -23.55
C ILE B 75 -12.27 3.98 -23.74
N ILE B 76 -11.09 3.36 -23.76
CA ILE B 76 -9.80 4.13 -23.78
C ILE B 76 -9.71 4.87 -25.12
N ARG B 77 -10.00 4.19 -26.22
CA ARG B 77 -9.99 4.88 -27.54
C ARG B 77 -11.03 6.01 -27.59
N GLU B 78 -12.21 5.80 -27.08
CA GLU B 78 -13.28 6.82 -27.14
C GLU B 78 -12.84 8.01 -26.28
N GLY B 79 -12.24 7.78 -25.12
CA GLY B 79 -11.77 8.88 -24.24
C GLY B 79 -10.61 9.65 -24.86
N ILE B 80 -9.64 8.96 -25.47
CA ILE B 80 -8.56 9.65 -26.20
C ILE B 80 -9.18 10.54 -27.28
N LYS B 81 -10.16 10.04 -28.03
CA LYS B 81 -10.78 10.86 -29.11
C LYS B 81 -11.45 12.08 -28.48
N LYS B 82 -12.19 11.92 -27.37
CA LYS B 82 -12.84 13.04 -26.66
C LYS B 82 -11.81 14.05 -26.15
N MET B 83 -10.59 13.65 -25.78
CA MET B 83 -9.59 14.60 -25.20
C MET B 83 -9.06 15.54 -26.30
N GLY B 84 -8.86 15.02 -27.51
CA GLY B 84 -8.38 15.86 -28.64
C GLY B 84 -6.97 16.37 -28.40
N CYS B 85 -6.18 15.69 -27.57
CA CYS B 85 -4.75 16.02 -27.30
C CYS B 85 -3.99 14.74 -26.93
N GLU B 86 -2.67 14.79 -26.86
CA GLU B 86 -1.87 13.62 -26.36
C GLU B 86 -2.29 13.40 -24.89
N THR B 87 -2.52 12.15 -24.49
CA THR B 87 -3.25 11.77 -23.28
C THR B 87 -2.46 10.72 -22.49
N MET B 88 -2.47 10.86 -21.17
CA MET B 88 -2.08 9.78 -20.22
C MET B 88 -3.38 9.19 -19.68
N VAL B 89 -3.57 7.88 -19.87
CA VAL B 89 -4.82 7.13 -19.55
C VAL B 89 -4.55 6.15 -18.43
N ARG B 90 -5.41 6.14 -17.41
CA ARG B 90 -5.25 5.22 -16.27
C ARG B 90 -6.55 4.51 -15.99
N PRO B 91 -6.66 3.26 -16.48
CA PRO B 91 -7.75 2.40 -16.07
C PRO B 91 -7.43 1.83 -14.68
N TYR B 92 -8.42 1.95 -13.78
CA TYR B 92 -8.37 1.43 -12.39
C TYR B 92 -9.38 0.32 -12.23
N ILE B 93 -8.97 -0.72 -11.50
CA ILE B 93 -9.87 -1.80 -11.06
C ILE B 93 -9.81 -1.84 -9.54
N THR B 94 -10.97 -1.74 -8.91
CA THR B 94 -11.07 -1.65 -7.44
C THR B 94 -11.41 -3.03 -6.86
N GLY B 95 -11.19 -3.18 -5.57
CA GLY B 95 -11.64 -4.37 -4.84
C GLY B 95 -13.13 -4.42 -4.75
N GLY B 96 -13.78 -3.27 -4.72
CA GLY B 96 -15.23 -3.21 -4.47
C GLY B 96 -15.49 -3.46 -3.00
N ASP B 97 -16.76 -3.70 -2.69
CA ASP B 97 -17.24 -3.60 -1.28
C ASP B 97 -16.91 -4.84 -0.47
N SER B 98 -16.64 -6.00 -1.10
CA SER B 98 -16.43 -7.25 -0.29
C SER B 98 -15.42 -8.21 -0.88
N PHE B 99 -14.75 -8.88 0.06
CA PHE B 99 -14.00 -10.12 -0.11
C PHE B 99 -14.91 -11.29 0.31
N GLY B 100 -15.29 -12.13 -0.65
CA GLY B 100 -16.28 -13.21 -0.46
C GLY B 100 -15.71 -14.37 0.35
N LYS B 101 -16.56 -15.34 0.70
CA LYS B 101 -16.16 -16.62 1.38
C LYS B 101 -15.26 -17.41 0.39
N ASP B 102 -15.44 -17.14 -0.91
CA ASP B 102 -14.66 -17.75 -2.03
C ASP B 102 -13.30 -17.07 -2.21
N HIS B 103 -12.91 -16.13 -1.34
CA HIS B 103 -11.57 -15.49 -1.36
C HIS B 103 -11.35 -14.75 -2.69
N LEU B 104 -12.40 -14.17 -3.27
CA LEU B 104 -12.33 -13.31 -4.46
C LEU B 104 -13.04 -11.99 -4.18
N PHE B 105 -12.62 -10.93 -4.87
CA PHE B 105 -13.37 -9.65 -4.99
C PHE B 105 -14.24 -9.75 -6.22
N SER B 106 -15.55 -9.96 -6.04
CA SER B 106 -16.53 -10.29 -7.10
C SER B 106 -17.44 -9.10 -7.39
N SER B 107 -17.29 -7.97 -6.68
CA SER B 107 -18.06 -6.74 -6.93
C SER B 107 -17.08 -5.60 -7.26
N SER B 108 -16.04 -5.92 -8.02
CA SER B 108 -15.02 -4.95 -8.46
C SER B 108 -15.73 -3.78 -9.15
N ARG B 109 -15.27 -2.56 -8.90
CA ARG B 109 -15.65 -1.39 -9.72
C ARG B 109 -14.47 -1.00 -10.63
N TYR B 110 -14.74 -0.20 -11.66
CA TYR B 110 -13.65 0.29 -12.54
C TYR B 110 -13.96 1.71 -13.01
N PHE B 111 -12.90 2.43 -13.33
CA PHE B 111 -13.03 3.78 -13.89
C PHE B 111 -11.78 4.04 -14.68
N VAL B 112 -11.84 5.02 -15.61
CA VAL B 112 -10.70 5.31 -16.47
C VAL B 112 -10.46 6.82 -16.44
N ILE B 113 -9.25 7.18 -16.01
CA ILE B 113 -8.82 8.61 -15.94
C ILE B 113 -8.11 8.96 -17.25
N PHE B 114 -8.49 10.10 -17.81
CA PHE B 114 -7.83 10.69 -19.00
C PHE B 114 -7.39 12.11 -18.66
N GLU B 115 -6.09 12.32 -18.75
CA GLU B 115 -5.47 13.64 -18.50
C GLU B 115 -4.56 13.97 -19.66
N GLU B 116 -4.49 15.27 -19.94
CA GLU B 116 -3.57 15.76 -20.98
C GLU B 116 -2.18 15.36 -20.50
N ILE B 117 -1.36 14.84 -21.39
CA ILE B 117 -0.06 14.28 -20.95
C ILE B 117 0.85 15.38 -20.38
N ARG B 118 1.67 15.05 -19.39
CA ARG B 118 2.68 15.96 -18.79
C ARG B 118 4.04 15.26 -18.87
N LYS B 119 4.79 15.49 -19.94
CA LYS B 119 6.16 14.98 -20.15
C LYS B 119 7.10 15.69 -19.19
N PRO B 120 8.14 15.02 -18.69
CA PRO B 120 9.15 15.74 -17.93
C PRO B 120 9.69 16.94 -18.72
N ASP B 121 10.05 18.02 -18.03
CA ASP B 121 10.52 19.26 -18.72
C ASP B 121 11.74 18.89 -19.56
N PRO B 122 11.87 19.43 -20.80
CA PRO B 122 13.08 19.24 -21.60
C PRO B 122 14.40 19.39 -20.85
N ILE B 123 14.46 20.22 -19.82
CA ILE B 123 15.72 20.45 -19.04
C ILE B 123 16.16 19.15 -18.35
N LEU B 124 15.19 18.32 -17.97
CA LEU B 124 15.47 17.09 -17.21
C LEU B 124 16.15 16.10 -18.13
N TYR B 125 15.80 16.09 -19.43
CA TYR B 125 16.49 15.24 -20.43
C TYR B 125 17.89 15.76 -20.71
N GLU B 126 18.07 17.07 -20.62
CA GLU B 126 19.36 17.74 -20.93
C GLU B 126 20.32 17.55 -19.75
N LYS B 127 19.86 17.71 -18.52
CA LYS B 127 20.70 17.68 -17.28
C LYS B 127 20.65 16.29 -16.60
N GLY B 128 19.59 15.52 -16.81
CA GLY B 128 19.37 14.26 -16.06
C GLY B 128 18.85 14.55 -14.67
N VAL B 129 18.49 13.50 -13.93
CA VAL B 129 17.81 13.62 -12.62
C VAL B 129 18.57 12.80 -11.60
N ALA B 130 18.23 13.07 -10.35
CA ALA B 130 18.76 12.38 -9.15
C ALA B 130 17.71 11.39 -8.63
N LEU B 131 18.18 10.21 -8.17
CA LEU B 131 17.30 9.24 -7.50
C LEU B 131 17.66 9.12 -6.03
N HIS B 132 16.68 8.83 -5.17
CA HIS B 132 16.90 8.56 -3.73
C HIS B 132 16.79 7.05 -3.47
N PRO B 133 17.90 6.36 -3.12
CA PRO B 133 17.84 4.93 -2.81
C PRO B 133 17.18 4.67 -1.45
N ILE B 134 16.36 3.62 -1.36
CA ILE B 134 15.78 3.19 -0.06
C ILE B 134 15.94 1.70 0.09
N ASN B 135 16.01 1.26 1.33
CA ASN B 135 16.16 -0.18 1.61
C ASN B 135 14.75 -0.79 1.74
N ALA B 136 14.11 -1.06 0.62
CA ALA B 136 12.72 -1.56 0.54
C ALA B 136 12.52 -2.26 -0.80
N GLU B 137 11.46 -3.07 -0.93
CA GLU B 137 11.13 -3.77 -2.18
C GLU B 137 9.62 -3.61 -2.37
N ARG B 138 9.19 -3.73 -3.62
CA ARG B 138 7.77 -3.90 -3.97
C ARG B 138 7.42 -5.38 -3.77
N TYR B 139 6.45 -5.68 -2.91
CA TYR B 139 5.96 -7.06 -2.70
C TYR B 139 5.05 -7.43 -3.89
N LEU B 140 5.12 -8.68 -4.34
CA LEU B 140 4.41 -9.20 -5.54
C LEU B 140 4.71 -8.26 -6.70
N PRO B 141 5.99 -8.11 -7.07
CA PRO B 141 6.42 -7.04 -7.97
C PRO B 141 5.83 -7.11 -9.39
N SER B 142 5.31 -8.27 -9.82
CA SER B 142 4.71 -8.38 -11.18
C SER B 142 3.36 -7.67 -11.16
N THR B 143 2.79 -7.46 -9.96
CA THR B 143 1.46 -6.84 -9.80
C THR B 143 1.64 -5.33 -9.73
N LYS B 144 0.88 -4.56 -10.51
CA LYS B 144 0.91 -3.09 -10.34
C LYS B 144 -0.33 -2.71 -9.51
N SER B 145 -0.17 -2.66 -8.20
CA SER B 145 -1.25 -2.19 -7.30
C SER B 145 -1.23 -0.67 -7.27
N ILE B 146 -2.25 -0.11 -6.61
CA ILE B 146 -2.38 1.37 -6.39
C ILE B 146 -1.48 1.80 -5.22
N ASN B 147 -0.78 0.90 -4.56
CA ASN B 147 0.06 1.26 -3.39
CA ASN B 147 0.06 1.26 -3.39
C ASN B 147 1.39 1.91 -3.83
N TYR B 148 1.42 3.23 -3.87
CA TYR B 148 2.58 4.11 -4.19
C TYR B 148 2.87 4.95 -2.96
N MET B 149 2.35 4.58 -1.78
CA MET B 149 2.53 5.47 -0.59
C MET B 149 4.02 5.69 -0.30
N LEU B 150 4.85 4.65 -0.38
CA LEU B 150 6.31 4.77 -0.08
C LEU B 150 7.01 5.65 -1.11
N SER B 151 6.50 5.75 -2.34
CA SER B 151 7.06 6.64 -3.41
C SER B 151 7.01 8.10 -2.97
N PHE B 152 6.09 8.44 -2.07
CA PHE B 152 5.94 9.83 -1.55
C PHE B 152 6.56 9.95 -0.16
N THR B 153 6.12 9.11 0.80
CA THR B 153 6.44 9.27 2.24
C THR B 153 7.95 9.11 2.41
N GLY B 154 8.58 8.27 1.57
CA GLY B 154 10.03 8.04 1.51
C GLY B 154 10.82 9.18 0.85
N GLN B 155 10.19 10.33 0.53
CA GLN B 155 10.88 11.54 0.02
C GLN B 155 11.06 12.58 1.15
N ARG B 156 10.94 12.16 2.43
CA ARG B 156 11.22 12.99 3.64
C ARG B 156 12.65 13.56 3.54
N ASP B 157 13.63 12.66 3.51
CA ASP B 157 15.09 12.99 3.41
C ASP B 157 15.52 12.75 1.96
N SER B 158 14.72 13.20 0.97
CA SER B 158 14.96 12.94 -0.49
C SER B 158 16.04 13.85 -1.08
N LYS B 159 16.24 15.03 -0.48
CA LYS B 159 17.22 16.01 -0.98
C LYS B 159 16.81 16.40 -2.40
N GLY B 160 15.50 16.59 -2.63
CA GLY B 160 14.92 17.02 -3.92
C GLY B 160 15.11 16.03 -5.06
N ALA B 161 15.27 14.74 -4.77
CA ALA B 161 15.38 13.68 -5.80
C ALA B 161 14.13 13.67 -6.68
N TYR B 162 14.27 13.33 -7.94
CA TYR B 162 13.13 13.15 -8.87
C TYR B 162 12.26 11.96 -8.45
N GLU B 163 12.84 10.86 -7.99
CA GLU B 163 12.10 9.61 -7.77
C GLU B 163 12.89 8.75 -6.79
N ILE B 164 12.20 7.88 -6.03
CA ILE B 164 12.85 6.89 -5.15
C ILE B 164 13.24 5.66 -5.97
N LEU B 165 14.30 4.98 -5.53
CA LEU B 165 14.80 3.77 -6.18
C LEU B 165 14.82 2.65 -5.12
N TYR B 166 14.08 1.56 -5.38
CA TYR B 166 14.00 0.40 -4.45
C TYR B 166 15.32 -0.35 -4.51
N CYS B 167 16.09 -0.30 -3.43
CA CYS B 167 17.44 -0.90 -3.32
C CYS B 167 17.52 -1.83 -2.11
N PRO B 168 16.70 -2.90 -2.06
CA PRO B 168 16.70 -3.81 -0.91
C PRO B 168 18.08 -4.46 -0.71
N GLU B 169 18.65 -4.31 0.49
CA GLU B 169 19.96 -4.94 0.84
C GLU B 169 21.04 -4.50 -0.18
N GLY B 170 20.93 -3.27 -0.70
CA GLY B 170 21.91 -2.70 -1.66
C GLY B 170 21.81 -3.23 -3.08
N GLU B 171 20.78 -4.01 -3.41
CA GLU B 171 20.53 -4.50 -4.78
C GLU B 171 19.49 -3.58 -5.42
N ILE B 172 19.86 -2.92 -6.52
CA ILE B 172 18.94 -1.97 -7.21
C ILE B 172 17.93 -2.82 -7.98
N VAL B 173 16.64 -2.59 -7.74
CA VAL B 173 15.60 -3.32 -8.51
C VAL B 173 14.96 -2.36 -9.54
N GLU B 174 14.28 -1.35 -9.04
CA GLU B 174 13.54 -0.43 -9.93
C GLU B 174 13.12 0.83 -9.21
N GLY B 175 12.65 1.81 -9.99
CA GLY B 175 12.13 3.04 -9.41
C GLY B 175 10.70 2.85 -8.94
N SER B 176 10.21 3.82 -8.21
CA SER B 176 8.80 3.80 -7.74
C SER B 176 7.85 3.86 -8.94
N HIS B 177 8.26 4.48 -10.05
CA HIS B 177 7.39 4.67 -11.25
C HIS B 177 8.12 4.19 -12.51
N SER B 178 9.25 3.51 -12.38
CA SER B 178 10.18 3.38 -13.53
C SER B 178 10.97 2.09 -13.51
N THR B 179 11.34 1.59 -14.67
CA THR B 179 12.38 0.56 -14.82
C THR B 179 13.72 1.28 -14.74
N PHE B 180 14.67 0.68 -14.05
CA PHE B 180 16.03 1.23 -13.93
C PHE B 180 17.04 0.45 -14.79
N PHE B 181 17.86 1.19 -15.53
CA PHE B 181 18.93 0.64 -16.38
C PHE B 181 20.26 1.28 -16.00
N LEU B 182 21.26 0.42 -15.75
CA LEU B 182 22.66 0.86 -15.55
C LEU B 182 23.42 0.58 -16.84
N ILE B 183 24.36 1.45 -17.19
CA ILE B 183 25.26 1.21 -18.35
C ILE B 183 26.69 1.07 -17.80
N LYS B 184 27.33 -0.05 -18.13
CA LYS B 184 28.73 -0.37 -17.67
C LYS B 184 29.43 -1.12 -18.80
N ASN B 185 30.58 -0.63 -19.25
CA ASN B 185 31.30 -1.23 -20.40
C ASN B 185 30.41 -1.33 -21.63
N GLY B 186 29.56 -0.32 -21.87
CA GLY B 186 28.69 -0.26 -23.06
C GLY B 186 27.59 -1.29 -23.05
N HIS B 187 27.38 -2.01 -21.94
CA HIS B 187 26.28 -3.00 -21.73
C HIS B 187 25.16 -2.34 -20.91
N LEU B 188 23.95 -2.85 -21.07
CA LEU B 188 22.75 -2.53 -20.24
C LEU B 188 22.68 -3.55 -19.11
N ILE B 189 22.44 -3.09 -17.88
CA ILE B 189 22.18 -3.95 -16.71
C ILE B 189 20.80 -3.55 -16.20
N THR B 190 19.89 -4.49 -16.03
CA THR B 190 18.53 -4.20 -15.45
C THR B 190 18.00 -5.43 -14.72
N ALA B 191 17.28 -5.21 -13.63
CA ALA B 191 16.75 -6.29 -12.77
C ALA B 191 15.84 -7.18 -13.60
N PRO B 192 15.91 -8.52 -13.33
CA PRO B 192 15.04 -9.49 -13.98
C PRO B 192 13.58 -9.30 -13.55
N THR B 193 12.65 -9.84 -14.34
CA THR B 193 11.20 -9.66 -14.07
C THR B 193 10.76 -10.54 -12.92
N SER B 194 11.62 -11.44 -12.42
CA SER B 194 11.37 -12.07 -11.09
C SER B 194 11.36 -11.01 -10.00
N ARG B 195 12.00 -9.84 -10.18
CA ARG B 195 12.14 -8.83 -9.10
C ARG B 195 11.48 -7.49 -9.45
N ALA B 196 11.42 -7.15 -10.73
CA ALA B 196 10.92 -5.84 -11.19
C ALA B 196 9.68 -6.03 -12.06
N LEU B 197 8.82 -5.02 -12.06
CA LEU B 197 7.65 -4.93 -12.96
C LEU B 197 8.13 -5.17 -14.39
N SER B 198 7.36 -5.93 -15.16
CA SER B 198 7.60 -6.14 -16.62
C SER B 198 7.15 -4.87 -17.35
N GLY B 199 7.94 -3.81 -17.23
CA GLY B 199 7.66 -2.52 -17.90
C GLY B 199 7.45 -2.67 -19.39
N THR B 200 6.54 -1.86 -19.97
CA THR B 200 6.35 -1.84 -21.44
C THR B 200 7.57 -1.20 -22.08
N THR B 201 8.08 -0.10 -21.50
CA THR B 201 9.21 0.66 -22.03
C THR B 201 10.45 -0.22 -21.93
N ARG B 202 10.58 -0.92 -20.80
CA ARG B 202 11.65 -1.92 -20.57
C ARG B 202 11.66 -2.93 -21.72
N GLN B 203 10.50 -3.47 -22.05
CA GLN B 203 10.39 -4.53 -23.11
C GLN B 203 10.86 -3.94 -24.43
N ILE B 204 10.41 -2.72 -24.77
CA ILE B 204 10.88 -2.05 -26.02
C ILE B 204 12.39 -1.82 -25.97
N VAL B 205 12.94 -1.30 -24.87
CA VAL B 205 14.41 -1.04 -24.80
C VAL B 205 15.21 -2.37 -25.00
N LEU B 206 14.75 -3.48 -24.47
CA LEU B 206 15.46 -4.76 -24.68
C LEU B 206 15.39 -5.17 -26.16
N GLU B 207 14.27 -4.91 -26.85
CA GLU B 207 14.15 -5.17 -28.30
C GLU B 207 15.13 -4.24 -29.04
N LEU B 208 15.21 -2.96 -28.63
CA LEU B 208 16.14 -2.00 -29.25
C LEU B 208 17.59 -2.44 -29.01
N ALA B 209 17.89 -2.99 -27.83
CA ALA B 209 19.24 -3.52 -27.54
C ALA B 209 19.54 -4.70 -28.47
N ARG B 210 18.56 -5.60 -28.67
CA ARG B 210 18.74 -6.76 -29.57
C ARG B 210 19.11 -6.22 -30.97
N ARG B 211 18.32 -5.27 -31.50
CA ARG B 211 18.53 -4.66 -32.83
C ARG B 211 19.91 -4.00 -32.92
N GLY B 212 20.38 -3.35 -31.87
CA GLY B 212 21.68 -2.65 -31.88
C GLY B 212 22.83 -3.54 -31.43
N ASN B 213 22.64 -4.86 -31.25
CA ASN B 213 23.72 -5.75 -30.73
C ASN B 213 24.33 -5.15 -29.46
N ILE B 214 23.47 -4.64 -28.58
CA ILE B 214 23.90 -4.10 -27.25
C ILE B 214 23.57 -5.21 -26.27
N GLN B 215 24.59 -5.62 -25.51
CA GLN B 215 24.42 -6.72 -24.54
C GLN B 215 23.58 -6.24 -23.36
N VAL B 216 22.66 -7.08 -22.90
CA VAL B 216 21.80 -6.89 -21.70
C VAL B 216 22.10 -7.97 -20.67
N GLU B 217 22.42 -7.56 -19.46
CA GLU B 217 22.50 -8.50 -18.31
C GLU B 217 21.26 -8.27 -17.45
N GLU B 218 20.45 -9.33 -17.30
CA GLU B 218 19.22 -9.28 -16.45
C GLU B 218 19.61 -9.71 -15.04
N ARG B 219 20.20 -8.77 -14.30
CA ARG B 219 20.55 -8.94 -12.87
C ARG B 219 20.36 -7.58 -12.19
N CYS B 220 20.20 -7.59 -10.88
CA CYS B 220 20.09 -6.34 -10.10
C CYS B 220 21.46 -5.67 -10.07
N PRO B 221 21.65 -4.47 -10.64
CA PRO B 221 22.90 -3.75 -10.42
C PRO B 221 23.03 -3.47 -8.91
N LEU B 222 24.26 -3.46 -8.38
CA LEU B 222 24.52 -3.14 -6.95
C LEU B 222 24.86 -1.65 -6.77
N LEU B 223 24.45 -1.08 -5.64
CA LEU B 223 24.82 0.30 -5.30
C LEU B 223 26.33 0.43 -5.30
N THR B 224 27.06 -0.62 -4.93
CA THR B 224 28.55 -0.58 -4.86
C THR B 224 29.13 -0.59 -6.27
N GLU B 225 28.41 -1.00 -7.31
CA GLU B 225 28.93 -0.93 -8.71
C GLU B 225 28.85 0.49 -9.28
N LEU B 226 28.11 1.40 -8.66
CA LEU B 226 27.76 2.70 -9.31
C LEU B 226 29.02 3.54 -9.59
N PRO B 227 30.04 3.56 -8.72
CA PRO B 227 31.25 4.32 -9.03
C PRO B 227 31.94 3.91 -10.34
N GLU B 228 31.76 2.68 -10.83
CA GLU B 228 32.35 2.18 -12.10
C GLU B 228 31.37 2.27 -13.26
N ALA B 229 30.15 2.78 -13.04
CA ALA B 229 29.14 2.88 -14.11
C ALA B 229 29.46 4.08 -15.00
N GLU B 230 29.13 3.99 -16.28
CA GLU B 230 29.29 5.12 -17.25
C GLU B 230 28.01 5.96 -17.24
N GLU B 231 26.83 5.32 -17.25
CA GLU B 231 25.53 6.03 -17.39
C GLU B 231 24.44 5.28 -16.63
N ALA B 232 23.29 5.94 -16.47
CA ALA B 232 22.07 5.29 -15.99
C ALA B 232 20.85 6.03 -16.50
N PHE B 233 19.74 5.33 -16.64
CA PHE B 233 18.47 5.97 -17.01
C PHE B 233 17.31 5.18 -16.41
N ILE B 234 16.18 5.85 -16.32
CA ILE B 234 14.90 5.20 -15.94
C ILE B 234 13.92 5.28 -17.10
N THR B 235 12.98 4.34 -17.15
CA THR B 235 12.03 4.22 -18.28
C THR B 235 10.61 4.11 -17.77
N GLY B 236 9.69 4.67 -18.55
CA GLY B 236 8.25 4.52 -18.36
C GLY B 236 7.54 5.16 -19.53
N THR B 237 6.28 4.86 -19.73
CA THR B 237 5.59 5.20 -20.99
C THR B 237 5.51 6.74 -21.08
N VAL B 238 5.32 7.44 -19.98
CA VAL B 238 5.29 8.92 -20.04
C VAL B 238 6.71 9.46 -20.19
N LYS B 239 7.65 9.03 -19.33
CA LYS B 239 8.95 9.72 -19.24
C LYS B 239 9.90 9.26 -20.37
N GLU B 240 9.57 8.17 -21.08
CA GLU B 240 10.43 7.60 -22.18
C GLU B 240 11.73 7.10 -21.54
N LEU B 241 12.90 7.56 -21.97
CA LEU B 241 14.19 7.27 -21.33
C LEU B 241 14.67 8.57 -20.70
N LEU B 242 14.74 8.62 -19.37
CA LEU B 242 15.15 9.79 -18.59
C LEU B 242 16.49 9.55 -17.91
N PRO B 243 17.55 10.33 -18.26
CA PRO B 243 18.90 10.08 -17.78
C PRO B 243 18.94 10.27 -16.26
N VAL B 244 19.72 9.42 -15.62
CA VAL B 244 19.99 9.51 -14.17
C VAL B 244 21.47 9.87 -13.97
N VAL B 245 21.75 10.97 -13.28
CA VAL B 245 23.15 11.48 -13.16
C VAL B 245 23.60 11.40 -11.71
N ARG B 246 22.70 11.08 -10.78
CA ARG B 246 23.03 10.98 -9.35
C ARG B 246 22.14 9.92 -8.71
N ILE B 247 22.71 9.05 -7.89
CA ILE B 247 21.90 8.16 -7.03
C ILE B 247 22.41 8.33 -5.61
N GLY B 248 21.56 8.88 -4.75
CA GLY B 248 21.96 9.24 -3.38
C GLY B 248 23.01 10.31 -3.42
N ASP B 249 24.20 10.05 -2.86
CA ASP B 249 25.38 10.95 -2.91
C ASP B 249 26.31 10.54 -4.06
N GLN B 250 25.95 9.55 -4.87
CA GLN B 250 26.89 9.01 -5.87
C GLN B 250 26.57 9.60 -7.24
N ILE B 251 27.53 10.33 -7.80
CA ILE B 251 27.44 10.86 -9.19
C ILE B 251 27.63 9.69 -10.14
N ILE B 252 26.86 9.65 -11.22
CA ILE B 252 26.96 8.60 -12.26
C ILE B 252 27.84 9.14 -13.38
N GLY B 253 28.93 8.43 -13.69
CA GLY B 253 29.91 8.82 -14.72
C GLY B 253 30.39 10.25 -14.47
N ASN B 254 30.37 11.13 -15.48
CA ASN B 254 30.78 12.55 -15.24
C ASN B 254 29.56 13.45 -15.04
N GLY B 255 28.43 12.89 -14.61
CA GLY B 255 27.34 13.68 -13.97
C GLY B 255 26.48 14.38 -15.00
N VAL B 256 26.58 14.00 -16.28
CA VAL B 256 25.67 14.48 -17.35
C VAL B 256 25.13 13.28 -18.09
N PRO B 257 24.04 13.43 -18.85
CA PRO B 257 23.54 12.32 -19.67
C PRO B 257 24.61 11.77 -20.61
N GLY B 258 24.63 10.45 -20.77
CA GLY B 258 25.67 9.73 -21.52
C GLY B 258 25.25 9.46 -22.94
N LYS B 259 26.21 9.04 -23.74
CA LYS B 259 25.99 8.91 -25.19
C LYS B 259 25.09 7.71 -25.47
N LEU B 260 25.17 6.59 -24.74
CA LEU B 260 24.33 5.42 -25.10
C LEU B 260 22.86 5.71 -24.72
N THR B 261 22.62 6.34 -23.57
CA THR B 261 21.27 6.82 -23.19
C THR B 261 20.66 7.70 -24.29
N LYS B 262 21.37 8.74 -24.72
CA LYS B 262 20.85 9.70 -25.75
C LYS B 262 20.60 8.97 -27.09
N HIS B 263 21.49 8.06 -27.46
CA HIS B 263 21.31 7.19 -28.66
C HIS B 263 20.04 6.32 -28.51
N LEU B 264 19.90 5.61 -27.40
CA LEU B 264 18.73 4.72 -27.23
C LEU B 264 17.45 5.54 -27.23
N HIS B 265 17.47 6.73 -26.65
CA HIS B 265 16.27 7.58 -26.61
C HIS B 265 15.89 7.96 -28.05
N GLN B 266 16.88 8.29 -28.89
CA GLN B 266 16.61 8.67 -30.31
C GLN B 266 16.00 7.48 -31.06
N VAL B 267 16.56 6.30 -30.88
CA VAL B 267 16.07 5.06 -31.56
C VAL B 267 14.66 4.73 -31.05
N TYR B 268 14.44 4.87 -29.75
CA TYR B 268 13.08 4.69 -29.17
C TYR B 268 12.08 5.61 -29.92
N LEU B 269 12.33 6.92 -29.97
CA LEU B 269 11.39 7.89 -30.61
C LEU B 269 11.12 7.52 -32.07
N SER B 270 12.15 7.11 -32.82
CA SER B 270 12.04 6.64 -34.22
C SER B 270 11.26 5.34 -34.33
N SER B 271 11.27 4.48 -33.31
CA SER B 271 10.81 3.07 -33.46
C SER B 271 9.39 2.85 -32.94
N ILE B 272 8.93 3.69 -32.01
CA ILE B 272 7.70 3.36 -31.25
C ILE B 272 6.46 3.30 -32.16
N VAL B 273 6.49 3.79 -33.39
CA VAL B 273 5.32 3.68 -34.33
C VAL B 273 4.92 2.20 -34.43
N GLU B 274 5.90 1.32 -34.38
CA GLU B 274 5.66 -0.13 -34.53
C GLU B 274 4.63 -0.59 -33.48
N TRP B 275 4.61 0.00 -32.27
CA TRP B 275 3.81 -0.53 -31.16
C TRP B 275 2.64 0.38 -30.81
N LEU B 276 2.38 1.42 -31.61
CA LEU B 276 1.15 2.24 -31.44
C LEU B 276 -0.04 1.40 -31.88
N GLU B 277 -1.16 1.49 -31.17
CA GLU B 277 -2.37 0.72 -31.55
C GLU B 277 -3.51 1.69 -31.89
N1 PW0 C . -1.01 -3.91 14.19
C2 PW0 C . -1.57 -3.41 13.09
C2A PW0 C . -0.79 -3.40 11.80
C3 PW0 C . -2.90 -2.94 13.14
O3 PW0 C . -3.51 -2.50 12.02
C4 PW0 C . -3.62 -2.95 14.34
C4A PW0 C . -5.05 -2.46 14.40
C5 PW0 C . -2.99 -3.43 15.49
C6 PW0 C . -1.68 -3.89 15.37
C5A PW0 C . -3.70 -3.47 16.80
O4P PW0 C . -3.73 -2.12 17.33
P PW0 C . -4.86 -1.72 18.45
O1P PW0 C . -4.66 -2.73 19.60
O2P PW0 C . -4.54 -0.31 18.81
O3P PW0 C . -6.17 -1.96 17.78
N PW0 C . -5.92 -3.28 13.55
CA PW0 C . -7.15 -2.85 13.21
CB PW0 C . -8.38 -2.83 14.08
CG PW0 C . -8.24 -3.36 15.49
CD PW0 C . -8.51 -4.85 15.65
OE1 PW0 C . -7.86 -5.63 14.97
OE2 PW0 C . -9.32 -5.21 16.48
C PW0 C . -7.36 -2.28 11.96
O PW0 C . -7.76 -1.15 12.07
OXT PW0 C . -7.19 -2.80 10.86
N1 PMP D . -0.78 -4.19 14.17
C2 PMP D . -1.39 -3.76 13.06
C2A PMP D . -0.68 -3.86 11.75
C3 PMP D . -2.69 -3.25 13.13
O3 PMP D . -3.30 -2.84 11.99
C4 PMP D . -3.35 -3.16 14.37
C4A PMP D . -4.74 -2.61 14.45
N4A PMP D . -5.50 -2.87 13.22
C5 PMP D . -2.68 -3.60 15.52
C6 PMP D . -1.41 -4.10 15.36
C5A PMP D . -3.33 -3.56 16.86
O4P PMP D . -3.93 -2.25 17.09
P PMP D . -5.04 -2.03 18.26
O1P PMP D . -4.45 -2.71 19.50
O2P PMP D . -5.17 -0.54 18.41
O3P PMP D . -6.31 -2.71 17.78
N1 PW0 E . 7.85 0.11 -12.47
C2 PW0 E . 6.83 0.61 -11.79
C2A PW0 E . 6.68 0.24 -10.35
C3 PW0 E . 5.92 1.49 -12.42
O3 PW0 E . 4.91 2.07 -11.70
C4 PW0 E . 6.06 1.78 -13.77
C4A PW0 E . 5.12 2.74 -14.47
C5 PW0 E . 7.15 1.22 -14.46
C6 PW0 E . 8.01 0.39 -13.77
C5A PW0 E . 7.39 1.52 -15.91
O4P PW0 E . 6.43 0.79 -16.73
P PW0 E . 6.09 1.24 -18.22
O1P PW0 E . 5.41 2.60 -18.04
O2P PW0 E . 5.13 0.12 -18.68
O3P PW0 E . 7.40 1.27 -18.98
N PW0 E . 4.72 3.86 -13.60
CA PW0 E . 3.85 4.86 -13.86
CB PW0 E . 3.98 5.71 -15.09
CG PW0 E . 5.40 6.27 -15.28
CD PW0 E . 5.65 6.73 -16.69
OE1 PW0 E . 4.68 6.58 -17.49
OE2 PW0 E . 6.76 7.25 -17.02
C PW0 E . 2.91 5.11 -12.89
O PW0 E . 3.24 4.99 -11.79
OXT PW0 E . 1.83 5.46 -13.13
N1 PMP F . 8.03 0.56 -12.30
C2 PMP F . 6.86 0.80 -11.72
C2A PMP F . 6.73 0.62 -10.25
C3 PMP F . 5.76 1.22 -12.48
O3 PMP F . 4.60 1.47 -11.83
C4 PMP F . 5.88 1.37 -13.85
C4A PMP F . 4.73 1.83 -14.70
N4A PMP F . 4.54 3.28 -14.68
C5 PMP F . 7.12 1.12 -14.45
C6 PMP F . 8.15 0.69 -13.63
C5A PMP F . 7.30 1.27 -15.92
O4P PMP F . 6.08 0.74 -16.56
P PMP F . 5.71 1.12 -18.07
O1P PMP F . 7.04 1.20 -18.81
O2P PMP F . 4.84 -0.02 -18.55
O3P PMP F . 4.99 2.45 -18.01
#